data_3PJN
#
_entry.id   3PJN
#
_cell.length_a   34.573
_cell.length_b   65.397
_cell.length_c   152.359
_cell.angle_alpha   90.00
_cell.angle_beta   90.00
_cell.angle_gamma   90.00
#
_symmetry.space_group_name_H-M   'P 21 21 21'
#
loop_
_entity.id
_entity.type
_entity.pdbx_description
1 polymer '34 kDa membrane antigen'
2 non-polymer 'ZINC ION'
3 non-polymer 'SULFATE ION'
4 non-polymer 1,2-ETHANEDIOL
5 water water
#
_entity_poly.entity_id   1
_entity_poly.type   'polypeptide(L)'
_entity_poly.pdbx_seq_one_letter_code
;MSYYHHHHHHDYDIPTTENLYFQGAMGSGGGGEHQHGEEMMAAVPAPDAEGAAGFDEFPIGEDRDVGPLHVGGVYFQPVE
MHPAPGAQPSKEEADCHIEADIHANEAGKDLGYGVGDFVPYLRVVAFLQKHGSEKVQKVMFAPMNAGDGPHYGANVKFEE
GLGTYKVRFEIAAPSHDEYSLHIDEQTGVSGRFWSEPLVAEWDDFEWKGPQW
;
_entity_poly.pdbx_strand_id   A,B
#
loop_
_chem_comp.id
_chem_comp.type
_chem_comp.name
_chem_comp.formula
EDO non-polymer 1,2-ETHANEDIOL 'C2 H6 O2'
SO4 non-polymer 'SULFATE ION' 'O4 S -2'
ZN non-polymer 'ZINC ION' 'Zn 2'
#
# COMPACT_ATOMS: atom_id res chain seq x y z
N PHE A 55 -17.58 13.30 6.71
CA PHE A 55 -17.85 14.34 5.71
C PHE A 55 -18.77 13.76 4.63
N ASP A 56 -19.36 14.64 3.84
CA ASP A 56 -20.32 14.23 2.80
C ASP A 56 -19.62 13.70 1.53
N GLU A 57 -20.04 12.53 1.05
CA GLU A 57 -19.53 11.99 -0.20
C GLU A 57 -20.69 11.66 -1.11
N PHE A 58 -20.53 11.94 -2.39
CA PHE A 58 -21.58 11.69 -3.38
C PHE A 58 -21.17 10.57 -4.32
N PRO A 59 -22.13 9.72 -4.69
CA PRO A 59 -21.77 8.53 -5.48
C PRO A 59 -21.54 8.88 -6.96
N ILE A 60 -20.57 8.20 -7.57
CA ILE A 60 -20.37 8.29 -9.01
C ILE A 60 -21.36 7.37 -9.71
N GLY A 61 -21.64 6.24 -9.07
CA GLY A 61 -22.52 5.24 -9.65
C GLY A 61 -22.48 4.00 -8.77
N GLU A 62 -23.12 2.92 -9.22
CA GLU A 62 -23.20 1.70 -8.41
C GLU A 62 -21.82 1.04 -8.20
N ASP A 63 -21.57 0.49 -7.01
CA ASP A 63 -20.27 -0.15 -6.78
C ASP A 63 -20.10 -1.31 -7.77
N ARG A 64 -18.85 -1.61 -8.13
CA ARG A 64 -18.54 -2.66 -9.11
C ARG A 64 -17.70 -3.75 -8.49
N ASP A 65 -17.92 -4.98 -8.91
CA ASP A 65 -16.96 -6.04 -8.61
C ASP A 65 -16.31 -6.44 -9.90
N VAL A 66 -14.99 -6.36 -9.94
CA VAL A 66 -14.25 -6.74 -11.12
C VAL A 66 -13.01 -7.53 -10.70
N GLY A 67 -12.88 -8.75 -11.18
CA GLY A 67 -11.78 -9.58 -10.73
C GLY A 67 -11.85 -9.72 -9.23
N PRO A 68 -10.69 -9.59 -8.55
CA PRO A 68 -10.61 -9.72 -7.10
C PRO A 68 -10.89 -8.40 -6.39
N LEU A 69 -11.44 -7.41 -7.08
CA LEU A 69 -11.61 -6.10 -6.45
C LEU A 69 -13.06 -5.69 -6.32
N HIS A 70 -13.38 -5.05 -5.20
CA HIS A 70 -14.66 -4.34 -5.08
C HIS A 70 -14.31 -2.86 -5.21
N VAL A 71 -14.94 -2.16 -6.15
CA VAL A 71 -14.54 -0.80 -6.47
C VAL A 71 -15.73 0.14 -6.34
N GLY A 72 -15.56 1.18 -5.52
CA GLY A 72 -16.59 2.21 -5.41
C GLY A 72 -16.02 3.52 -5.92
N GLY A 73 -16.90 4.39 -6.40
CA GLY A 73 -16.47 5.68 -6.94
C GLY A 73 -17.27 6.74 -6.21
N VAL A 74 -16.61 7.75 -5.66
CA VAL A 74 -17.33 8.88 -5.04
C VAL A 74 -16.69 10.18 -5.45
N TYR A 75 -17.43 11.27 -5.29
CA TYR A 75 -16.88 12.57 -5.56
C TYR A 75 -17.42 13.55 -4.50
N PHE A 76 -16.67 14.62 -4.26
CA PHE A 76 -17.10 15.68 -3.36
C PHE A 76 -16.24 16.92 -3.62
N GLN A 77 -16.27 17.90 -2.73
CA GLN A 77 -15.55 19.14 -3.01
C GLN A 77 -14.05 18.90 -3.17
N PRO A 78 -13.38 19.71 -3.99
CA PRO A 78 -11.92 19.62 -4.07
C PRO A 78 -11.28 19.72 -2.68
N VAL A 79 -10.16 19.03 -2.51
CA VAL A 79 -9.48 19.03 -1.23
C VAL A 79 -8.06 19.56 -1.35
N GLU A 80 -7.49 19.94 -0.22
CA GLU A 80 -6.08 20.34 -0.16
C GLU A 80 -5.28 19.12 0.27
N MET A 81 -4.22 18.82 -0.45
CA MET A 81 -3.47 17.59 -0.18
C MET A 81 -2.02 17.94 0.10
N HIS A 82 -1.37 17.16 0.96
CA HIS A 82 0.04 17.38 1.16
C HIS A 82 0.83 16.10 0.94
N PRO A 83 1.83 16.15 0.05
CA PRO A 83 2.11 17.26 -0.88
C PRO A 83 1.00 17.29 -1.94
N ALA A 84 0.97 18.30 -2.78
CA ALA A 84 -0.05 18.28 -3.85
C ALA A 84 0.46 17.26 -4.87
N PRO A 85 -0.36 16.26 -5.22
CA PRO A 85 0.09 15.13 -6.04
C PRO A 85 0.16 15.37 -7.55
N GLY A 86 1.26 14.90 -8.16
CA GLY A 86 1.39 14.95 -9.60
C GLY A 86 0.99 16.29 -10.20
N ALA A 87 0.18 16.21 -11.26
CA ALA A 87 -0.21 17.39 -12.04
C ALA A 87 -1.66 17.79 -11.79
N GLN A 88 -2.17 17.50 -10.60
CA GLN A 88 -3.61 17.72 -10.36
C GLN A 88 -3.90 19.20 -10.05
N PRO A 89 -5.09 19.69 -10.45
CA PRO A 89 -5.48 21.06 -10.13
C PRO A 89 -5.53 21.31 -8.62
N SER A 90 -5.24 22.54 -8.21
CA SER A 90 -5.32 22.93 -6.81
C SER A 90 -6.75 22.86 -6.31
N LYS A 91 -6.93 22.92 -4.98
CA LYS A 91 -8.25 23.00 -4.37
C LYS A 91 -9.10 24.09 -5.05
N GLU A 92 -8.51 25.26 -5.28
CA GLU A 92 -9.26 26.40 -5.85
C GLU A 92 -9.61 26.22 -7.34
N GLU A 93 -8.72 25.57 -8.09
CA GLU A 93 -8.92 25.43 -9.51
C GLU A 93 -9.76 24.21 -9.90
N ALA A 94 -9.81 23.23 -9.02
CA ALA A 94 -10.52 22.00 -9.34
C ALA A 94 -12.02 22.14 -9.30
N ASP A 95 -12.72 21.26 -10.00
CA ASP A 95 -14.18 21.16 -9.85
C ASP A 95 -14.58 20.27 -8.68
N CYS A 96 -13.86 19.16 -8.50
CA CYS A 96 -14.20 18.23 -7.43
C CYS A 96 -13.01 17.36 -7.11
N HIS A 97 -13.14 16.55 -6.08
CA HIS A 97 -12.21 15.47 -5.81
C HIS A 97 -12.96 14.18 -6.09
N ILE A 98 -12.32 13.28 -6.85
CA ILE A 98 -12.91 11.98 -7.14
C ILE A 98 -12.03 10.90 -6.49
N GLU A 99 -12.66 9.87 -5.95
CA GLU A 99 -11.91 8.79 -5.32
C GLU A 99 -12.40 7.43 -5.80
N ALA A 100 -11.45 6.54 -5.94
CA ALA A 100 -11.71 5.12 -6.08
C ALA A 100 -11.40 4.45 -4.76
N ASP A 101 -12.43 3.78 -4.23
N ASP A 101 -12.43 3.81 -4.21
CA ASP A 101 -12.29 3.00 -3.00
CA ASP A 101 -12.28 2.99 -3.04
C ASP A 101 -12.21 1.53 -3.38
C ASP A 101 -12.12 1.60 -3.58
N ILE A 102 -11.03 0.94 -3.20
CA ILE A 102 -10.77 -0.38 -3.74
C ILE A 102 -10.38 -1.33 -2.64
N HIS A 103 -11.18 -2.37 -2.47
N HIS A 103 -11.17 -2.37 -2.43
CA HIS A 103 -10.92 -3.41 -1.48
CA HIS A 103 -10.78 -3.38 -1.48
C HIS A 103 -10.93 -4.79 -2.10
C HIS A 103 -11.02 -4.79 -2.01
N ALA A 104 -10.35 -5.76 -1.41
CA ALA A 104 -10.34 -7.10 -1.96
C ALA A 104 -11.68 -7.76 -1.73
N ASN A 105 -12.20 -8.45 -2.75
CA ASN A 105 -13.41 -9.25 -2.54
C ASN A 105 -13.04 -10.69 -2.29
N GLU A 106 -14.00 -11.60 -2.30
CA GLU A 106 -13.69 -12.99 -1.98
C GLU A 106 -12.60 -13.58 -2.87
N ALA A 107 -12.62 -13.21 -4.15
CA ALA A 107 -11.60 -13.67 -5.12
C ALA A 107 -10.21 -13.14 -4.78
N GLY A 108 -10.15 -12.03 -4.07
CA GLY A 108 -8.89 -11.51 -3.59
C GLY A 108 -8.14 -12.38 -2.59
N LYS A 109 -8.84 -13.33 -1.99
CA LYS A 109 -8.25 -14.09 -0.91
C LYS A 109 -7.14 -14.94 -1.49
N ASP A 110 -7.35 -15.39 -2.73
CA ASP A 110 -6.34 -16.19 -3.44
C ASP A 110 -5.03 -15.48 -3.72
N LEU A 111 -5.03 -14.14 -3.68
CA LEU A 111 -3.80 -13.35 -3.83
C LEU A 111 -3.17 -13.08 -2.45
N GLY A 112 -3.83 -13.52 -1.39
CA GLY A 112 -3.31 -13.31 -0.04
C GLY A 112 -3.86 -12.10 0.70
N TYR A 113 -4.77 -11.36 0.08
CA TYR A 113 -5.34 -10.21 0.78
C TYR A 113 -6.39 -10.68 1.73
N GLY A 114 -6.57 -9.95 2.81
CA GLY A 114 -7.70 -10.20 3.68
C GLY A 114 -8.90 -9.62 2.95
N VAL A 115 -10.00 -10.37 2.98
CA VAL A 115 -11.19 -9.92 2.30
C VAL A 115 -11.73 -8.65 2.96
N GLY A 116 -12.03 -7.64 2.14
CA GLY A 116 -12.38 -6.33 2.64
C GLY A 116 -11.25 -5.35 2.86
N ASP A 117 -10.02 -5.82 2.82
CA ASP A 117 -8.91 -4.91 3.06
C ASP A 117 -8.58 -4.03 1.85
N PHE A 118 -8.09 -2.83 2.13
CA PHE A 118 -7.55 -1.95 1.10
C PHE A 118 -6.50 -2.72 0.28
N VAL A 119 -6.50 -2.53 -1.04
CA VAL A 119 -5.48 -3.12 -1.90
C VAL A 119 -4.51 -2.03 -2.36
N PRO A 120 -3.30 -2.00 -1.79
CA PRO A 120 -2.29 -0.98 -2.10
C PRO A 120 -1.44 -1.33 -3.33
N TYR A 121 -0.71 -0.34 -3.80
CA TYR A 121 0.24 -0.42 -4.88
C TYR A 121 -0.38 -0.56 -6.27
N LEU A 122 -1.69 -0.34 -6.38
CA LEU A 122 -2.32 -0.38 -7.69
C LEU A 122 -2.02 0.92 -8.45
N ARG A 123 -2.12 0.84 -9.78
CA ARG A 123 -1.95 2.02 -10.61
C ARG A 123 -3.30 2.31 -11.25
N VAL A 124 -3.95 3.38 -10.78
CA VAL A 124 -5.34 3.66 -11.18
C VAL A 124 -5.36 4.91 -12.01
N VAL A 125 -6.00 4.81 -13.18
CA VAL A 125 -6.10 5.96 -14.09
C VAL A 125 -7.58 6.12 -14.43
N ALA A 126 -8.10 7.35 -14.34
CA ALA A 126 -9.49 7.60 -14.69
C ALA A 126 -9.53 8.25 -16.07
N PHE A 127 -10.55 7.88 -16.85
CA PHE A 127 -10.77 8.53 -18.14
C PHE A 127 -12.15 9.11 -18.09
N LEU A 128 -12.30 10.38 -18.49
CA LEU A 128 -13.61 11.03 -18.43
C LEU A 128 -13.96 11.48 -19.83
N GLN A 129 -15.19 11.20 -20.29
CA GLN A 129 -15.55 11.59 -21.65
C GLN A 129 -16.99 12.02 -21.68
N LYS A 130 -17.21 13.29 -22.02
CA LYS A 130 -18.57 13.83 -22.02
C LYS A 130 -19.32 13.18 -23.18
N HIS A 131 -20.58 12.83 -22.95
CA HIS A 131 -21.42 12.26 -24.00
C HIS A 131 -21.43 13.20 -25.18
N GLY A 132 -21.28 12.62 -26.35
CA GLY A 132 -21.37 13.37 -27.59
C GLY A 132 -20.06 13.99 -27.98
N SER A 133 -19.01 13.75 -27.18
CA SER A 133 -17.71 14.37 -27.41
C SER A 133 -16.66 13.32 -27.74
N GLU A 134 -15.68 13.66 -28.57
CA GLU A 134 -14.60 12.71 -28.81
C GLU A 134 -13.42 12.93 -27.86
N LYS A 135 -13.46 14.02 -27.09
CA LYS A 135 -12.35 14.36 -26.19
C LYS A 135 -12.36 13.48 -24.94
N VAL A 136 -11.22 12.90 -24.62
CA VAL A 136 -11.13 12.08 -23.40
C VAL A 136 -10.08 12.64 -22.47
N GLN A 137 -10.44 12.86 -21.21
CA GLN A 137 -9.49 13.32 -20.22
C GLN A 137 -8.87 12.16 -19.54
N LYS A 138 -7.55 12.17 -19.41
CA LYS A 138 -6.87 11.10 -18.66
C LYS A 138 -6.34 11.65 -17.35
N VAL A 139 -6.75 11.05 -16.25
CA VAL A 139 -6.34 11.53 -14.93
C VAL A 139 -5.65 10.44 -14.16
N MET A 140 -4.41 10.65 -13.75
CA MET A 140 -3.75 9.62 -12.95
C MET A 140 -4.13 9.82 -11.50
N PHE A 141 -4.68 8.78 -10.87
CA PHE A 141 -5.01 8.88 -9.47
C PHE A 141 -3.73 8.63 -8.67
N ALA A 142 -3.70 9.18 -7.46
CA ALA A 142 -2.59 8.92 -6.56
C ALA A 142 -3.12 8.24 -5.31
N PRO A 143 -2.30 7.41 -4.65
CA PRO A 143 -2.71 6.88 -3.34
C PRO A 143 -2.58 7.96 -2.25
N MET A 144 -3.55 7.99 -1.35
CA MET A 144 -3.61 9.04 -0.32
C MET A 144 -4.52 8.63 0.83
N ASN A 145 -4.36 9.26 2.00
CA ASN A 145 -5.31 9.07 3.08
C ASN A 145 -6.22 10.27 3.26
N ALA A 146 -7.51 9.99 3.49
CA ALA A 146 -8.45 11.01 4.00
C ALA A 146 -8.76 10.61 5.42
N GLY A 147 -9.71 11.31 6.04
CA GLY A 147 -10.05 11.00 7.41
C GLY A 147 -10.68 9.64 7.50
N ASP A 148 -11.14 9.12 6.36
CA ASP A 148 -11.72 7.80 6.32
C ASP A 148 -10.82 6.72 5.72
N GLY A 149 -9.54 7.05 5.54
CA GLY A 149 -8.54 6.04 5.27
C GLY A 149 -7.97 6.08 3.88
N PRO A 150 -7.12 5.09 3.55
CA PRO A 150 -6.42 5.07 2.27
C PRO A 150 -7.36 4.84 1.10
N HIS A 151 -7.07 5.49 -0.02
CA HIS A 151 -7.84 5.32 -1.26
C HIS A 151 -6.98 5.83 -2.38
N TYR A 152 -7.51 5.77 -3.61
CA TYR A 152 -6.82 6.37 -4.75
C TYR A 152 -7.71 7.53 -5.18
N GLY A 153 -7.09 8.64 -5.55
CA GLY A 153 -7.94 9.80 -5.84
C GLY A 153 -7.27 10.93 -6.60
N ALA A 154 -8.09 11.91 -6.99
CA ALA A 154 -7.52 13.09 -7.61
C ALA A 154 -8.48 14.25 -7.51
N ASN A 155 -7.93 15.45 -7.37
CA ASN A 155 -8.75 16.61 -7.73
C ASN A 155 -8.82 16.64 -9.27
N VAL A 156 -9.97 16.99 -9.82
CA VAL A 156 -10.14 17.00 -11.27
C VAL A 156 -10.98 18.18 -11.68
N LYS A 157 -10.85 18.56 -12.95
CA LYS A 157 -11.78 19.48 -13.62
C LYS A 157 -12.61 18.70 -14.63
N PHE A 158 -13.89 19.03 -14.76
CA PHE A 158 -14.64 18.46 -15.88
C PHE A 158 -14.52 19.44 -17.04
N GLU A 159 -13.66 19.10 -17.98
CA GLU A 159 -13.16 20.11 -18.91
C GLU A 159 -14.14 20.55 -19.98
N GLU A 160 -15.18 19.77 -20.20
CA GLU A 160 -16.24 20.20 -21.10
C GLU A 160 -17.52 20.61 -20.39
N GLY A 161 -17.38 20.96 -19.12
CA GLY A 161 -18.47 21.59 -18.41
C GLY A 161 -19.57 20.66 -17.94
N LEU A 162 -20.70 21.23 -17.58
CA LEU A 162 -21.81 20.47 -17.02
C LEU A 162 -22.37 19.49 -18.03
N GLY A 163 -22.76 18.31 -17.56
CA GLY A 163 -23.43 17.36 -18.43
C GLY A 163 -23.15 15.93 -18.04
N THR A 164 -23.45 15.01 -18.94
CA THR A 164 -23.29 13.59 -18.67
C THR A 164 -21.95 13.12 -19.18
N TYR A 165 -21.20 12.40 -18.34
CA TYR A 165 -19.88 11.88 -18.69
C TYR A 165 -19.84 10.37 -18.54
N LYS A 166 -19.12 9.70 -19.44
CA LYS A 166 -18.64 8.36 -19.11
C LYS A 166 -17.41 8.49 -18.22
N VAL A 167 -17.38 7.73 -17.12
CA VAL A 167 -16.26 7.72 -16.19
C VAL A 167 -15.74 6.29 -16.10
N ARG A 168 -14.45 6.10 -16.36
CA ARG A 168 -13.91 4.75 -16.46
C ARG A 168 -12.63 4.74 -15.61
N PHE A 169 -12.55 3.82 -14.67
CA PHE A 169 -11.33 3.64 -13.88
C PHE A 169 -10.63 2.40 -14.45
N GLU A 170 -9.36 2.54 -14.84
CA GLU A 170 -8.56 1.40 -15.30
C GLU A 170 -7.56 1.12 -14.22
N ILE A 171 -7.57 -0.13 -13.74
CA ILE A 171 -6.85 -0.47 -12.52
C ILE A 171 -5.78 -1.52 -12.82
N ALA A 172 -4.54 -1.09 -12.88
CA ALA A 172 -3.44 -2.02 -13.13
C ALA A 172 -2.90 -2.57 -11.83
N ALA A 173 -2.42 -3.82 -11.89
CA ALA A 173 -1.93 -4.49 -10.70
C ALA A 173 -0.63 -3.87 -10.24
N PRO A 174 -0.17 -4.24 -9.02
CA PRO A 174 1.10 -3.71 -8.54
C PRO A 174 2.17 -4.15 -9.51
N SER A 175 2.98 -3.20 -9.94
CA SER A 175 4.11 -3.44 -10.84
C SER A 175 5.01 -4.59 -10.34
N HIS A 176 5.47 -5.40 -11.28
CA HIS A 176 6.37 -6.48 -10.95
C HIS A 176 7.68 -5.88 -10.50
N ASP A 177 7.86 -4.60 -10.75
CA ASP A 177 9.04 -3.90 -10.25
C ASP A 177 8.88 -3.44 -8.80
N GLU A 178 7.66 -3.51 -8.27
CA GLU A 178 7.32 -2.90 -6.98
C GLU A 178 6.80 -3.87 -5.91
N TYR A 179 6.29 -5.04 -6.31
CA TYR A 179 5.54 -5.87 -5.36
C TYR A 179 5.74 -7.33 -5.74
N SER A 180 5.71 -8.23 -4.75
CA SER A 180 5.89 -9.65 -5.05
C SER A 180 4.89 -10.50 -4.30
N LEU A 181 4.80 -11.77 -4.71
CA LEU A 181 3.96 -12.76 -4.02
C LEU A 181 4.82 -13.93 -3.53
N HIS A 182 4.61 -14.41 -2.31
CA HIS A 182 5.14 -15.73 -1.95
C HIS A 182 4.43 -16.76 -2.84
N ILE A 183 5.17 -17.69 -3.46
CA ILE A 183 4.54 -18.70 -4.33
C ILE A 183 4.94 -20.12 -3.95
N ASP A 184 5.71 -20.24 -2.87
CA ASP A 184 6.00 -21.56 -2.38
C ASP A 184 4.74 -22.22 -1.82
N GLU A 185 4.72 -23.54 -1.84
CA GLU A 185 3.53 -24.27 -1.43
C GLU A 185 3.19 -23.97 0.04
N GLN A 186 4.21 -23.88 0.87
CA GLN A 186 4.01 -23.76 2.31
C GLN A 186 3.42 -22.42 2.77
N THR A 187 4.00 -21.32 2.31
CA THR A 187 3.60 -20.02 2.78
C THR A 187 2.97 -19.17 1.67
N GLY A 188 2.84 -19.73 0.48
CA GLY A 188 2.50 -18.90 -0.67
C GLY A 188 1.03 -18.86 -1.02
N VAL A 189 0.72 -18.18 -2.13
CA VAL A 189 -0.65 -17.99 -2.57
C VAL A 189 -0.81 -18.68 -3.89
N SER A 190 -2.06 -19.02 -4.25
CA SER A 190 -2.31 -19.76 -5.51
C SER A 190 -2.80 -18.83 -6.60
N GLY A 191 -3.04 -17.58 -6.23
CA GLY A 191 -3.50 -16.59 -7.19
C GLY A 191 -2.33 -15.87 -7.85
N ARG A 192 -2.64 -14.94 -8.77
CA ARG A 192 -1.62 -14.13 -9.40
C ARG A 192 -2.25 -12.81 -9.81
N PHE A 193 -1.43 -11.79 -9.99
CA PHE A 193 -1.97 -10.53 -10.48
C PHE A 193 -2.44 -10.61 -11.94
N TRP A 194 -3.38 -9.74 -12.27
CA TRP A 194 -3.96 -9.67 -13.59
C TRP A 194 -3.04 -8.90 -14.52
N SER A 195 -2.99 -9.28 -15.80
CA SER A 195 -1.96 -8.73 -16.67
C SER A 195 -2.47 -7.50 -17.44
N GLU A 196 -3.78 -7.42 -17.63
CA GLU A 196 -4.38 -6.27 -18.31
C GLU A 196 -5.24 -5.53 -17.29
N PRO A 197 -5.22 -4.19 -17.30
CA PRO A 197 -5.92 -3.47 -16.23
C PRO A 197 -7.41 -3.83 -16.16
N LEU A 198 -7.91 -3.94 -14.93
CA LEU A 198 -9.34 -4.18 -14.68
C LEU A 198 -10.07 -2.87 -14.86
N VAL A 199 -11.36 -2.96 -15.21
CA VAL A 199 -12.13 -1.76 -15.55
C VAL A 199 -13.38 -1.66 -14.71
N ALA A 200 -13.57 -0.52 -14.05
CA ALA A 200 -14.83 -0.22 -13.39
C ALA A 200 -15.32 1.00 -14.11
N GLU A 201 -16.53 0.95 -14.66
CA GLU A 201 -16.95 2.16 -15.35
C GLU A 201 -18.44 2.44 -15.17
N TRP A 202 -18.76 3.71 -15.36
CA TRP A 202 -20.12 4.23 -15.23
C TRP A 202 -20.39 5.03 -16.48
N ASP A 203 -21.41 4.63 -17.24
CA ASP A 203 -21.62 5.30 -18.52
C ASP A 203 -22.35 6.63 -18.49
N ASP A 204 -23.02 6.94 -17.37
CA ASP A 204 -23.94 8.06 -17.33
C ASP A 204 -23.83 8.86 -16.06
N PHE A 205 -22.59 9.21 -15.69
CA PHE A 205 -22.40 10.04 -14.52
C PHE A 205 -22.84 11.46 -14.81
N GLU A 206 -23.67 12.05 -13.94
CA GLU A 206 -24.11 13.43 -14.22
C GLU A 206 -23.27 14.44 -13.42
N TRP A 207 -22.48 15.26 -14.11
CA TRP A 207 -21.80 16.38 -13.46
C TRP A 207 -22.79 17.54 -13.53
N LYS A 208 -23.47 17.80 -12.42
CA LYS A 208 -24.41 18.90 -12.40
C LYS A 208 -23.93 20.05 -11.54
N GLY A 209 -22.62 20.08 -11.28
CA GLY A 209 -22.02 21.23 -10.64
C GLY A 209 -21.82 20.90 -9.17
N PRO A 210 -21.19 21.82 -8.45
CA PRO A 210 -20.91 21.56 -7.04
C PRO A 210 -22.19 21.35 -6.26
N GLN A 211 -22.12 20.39 -5.33
CA GLN A 211 -23.23 20.11 -4.42
C GLN A 211 -22.78 20.56 -3.03
N TRP A 212 -22.05 21.67 -3.01
CA TRP A 212 -21.41 22.22 -1.81
C TRP A 212 -21.12 23.68 -2.11
N ASP B 56 5.06 -22.62 10.66
CA ASP B 56 5.29 -21.87 11.90
C ASP B 56 6.22 -20.66 11.76
N GLU B 57 5.90 -19.59 12.48
CA GLU B 57 6.68 -18.38 12.45
C GLU B 57 7.41 -18.20 13.78
N PHE B 58 8.64 -17.73 13.72
CA PHE B 58 9.43 -17.57 14.93
C PHE B 58 9.71 -16.08 15.15
N PRO B 59 9.58 -15.59 16.40
CA PRO B 59 9.73 -14.16 16.61
C PRO B 59 11.19 -13.73 16.60
N ILE B 60 11.46 -12.54 16.09
CA ILE B 60 12.79 -11.98 16.24
C ILE B 60 12.94 -11.45 17.67
N GLY B 61 11.81 -11.06 18.25
CA GLY B 61 11.78 -10.47 19.59
C GLY B 61 10.38 -9.97 19.87
N GLU B 62 10.20 -9.20 20.93
CA GLU B 62 8.89 -8.70 21.27
C GLU B 62 8.46 -7.61 20.29
N ASP B 63 7.19 -7.61 19.92
CA ASP B 63 6.65 -6.55 19.09
C ASP B 63 6.93 -5.17 19.68
N ARG B 64 7.16 -4.19 18.82
CA ARG B 64 7.47 -2.82 19.23
C ARG B 64 6.36 -1.88 18.77
N ASP B 65 6.02 -0.89 19.59
CA ASP B 65 5.21 0.22 19.10
C ASP B 65 6.13 1.42 18.96
N VAL B 66 6.20 1.98 17.76
CA VAL B 66 7.04 3.15 17.54
C VAL B 66 6.29 4.18 16.70
N GLY B 67 6.05 5.35 17.28
CA GLY B 67 5.21 6.33 16.61
C GLY B 67 3.84 5.73 16.35
N PRO B 68 3.34 5.91 15.13
CA PRO B 68 2.02 5.38 14.80
C PRO B 68 2.04 3.91 14.39
N LEU B 69 3.16 3.21 14.58
CA LEU B 69 3.29 1.88 14.02
C LEU B 69 3.47 0.81 15.09
N HIS B 70 2.77 -0.30 14.92
N HIS B 70 2.76 -0.29 14.91
CA HIS B 70 3.05 -1.50 15.70
CA HIS B 70 3.02 -1.52 15.63
C HIS B 70 3.86 -2.37 14.76
C HIS B 70 3.87 -2.38 14.71
N VAL B 71 5.05 -2.78 15.19
CA VAL B 71 6.01 -3.48 14.33
C VAL B 71 6.38 -4.81 14.94
N GLY B 72 6.12 -5.90 14.21
CA GLY B 72 6.57 -7.22 14.64
C GLY B 72 7.66 -7.70 13.70
N GLY B 73 8.60 -8.49 14.22
CA GLY B 73 9.57 -9.14 13.35
C GLY B 73 9.46 -10.62 13.53
N VAL B 74 9.43 -11.36 12.41
CA VAL B 74 9.42 -12.81 12.49
C VAL B 74 10.34 -13.36 11.42
N TYR B 75 10.71 -14.64 11.58
CA TYR B 75 11.49 -15.33 10.58
C TYR B 75 11.01 -16.77 10.49
N PHE B 76 11.28 -17.38 9.35
CA PHE B 76 10.91 -18.76 9.12
C PHE B 76 11.64 -19.21 7.87
N GLN B 77 11.29 -20.36 7.33
CA GLN B 77 12.05 -20.88 6.20
C GLN B 77 12.09 -19.93 4.99
N PRO B 78 13.16 -19.98 4.20
CA PRO B 78 13.20 -19.20 2.96
C PRO B 78 11.98 -19.53 2.08
N VAL B 79 11.55 -18.55 1.31
CA VAL B 79 10.35 -18.73 0.45
C VAL B 79 10.70 -18.39 -1.00
N GLU B 80 9.89 -18.85 -1.93
CA GLU B 80 10.06 -18.47 -3.33
C GLU B 80 9.12 -17.31 -3.61
N MET B 81 9.63 -16.25 -4.25
CA MET B 81 8.83 -15.07 -4.49
C MET B 81 8.75 -14.81 -5.98
N HIS B 82 7.59 -14.31 -6.42
CA HIS B 82 7.45 -13.89 -7.81
C HIS B 82 6.98 -12.45 -7.90
N PRO B 83 7.76 -11.59 -8.58
CA PRO B 83 9.11 -11.87 -9.08
C PRO B 83 10.11 -11.92 -7.92
N ALA B 84 11.32 -12.40 -8.19
CA ALA B 84 12.33 -12.50 -7.15
C ALA B 84 12.83 -11.09 -6.89
N PRO B 85 12.67 -10.60 -5.63
CA PRO B 85 12.91 -9.19 -5.37
C PRO B 85 14.38 -8.82 -5.36
N GLY B 86 14.67 -7.60 -5.82
CA GLY B 86 15.99 -7.02 -5.74
C GLY B 86 17.08 -8.02 -6.01
N ALA B 87 18.03 -8.09 -5.08
CA ALA B 87 19.11 -9.04 -5.17
C ALA B 87 19.11 -9.97 -3.95
N GLN B 88 17.92 -10.25 -3.41
CA GLN B 88 17.80 -11.18 -2.31
C GLN B 88 18.18 -12.59 -2.77
N PRO B 89 18.73 -13.41 -1.87
CA PRO B 89 19.05 -14.80 -2.22
C PRO B 89 17.81 -15.64 -2.56
N SER B 90 17.98 -16.62 -3.43
CA SER B 90 16.89 -17.51 -3.78
C SER B 90 16.50 -18.36 -2.58
N LYS B 91 15.38 -19.06 -2.69
CA LYS B 91 14.94 -19.95 -1.63
C LYS B 91 16.07 -20.91 -1.26
N GLU B 92 16.78 -21.38 -2.27
CA GLU B 92 17.88 -22.32 -2.05
C GLU B 92 19.10 -21.72 -1.36
N GLU B 93 19.47 -20.51 -1.73
CA GLU B 93 20.70 -19.91 -1.22
C GLU B 93 20.47 -19.38 0.20
N ALA B 94 19.24 -19.05 0.54
CA ALA B 94 18.98 -18.31 1.77
C ALA B 94 18.97 -19.16 3.03
N ASP B 95 19.20 -18.50 4.17
CA ASP B 95 19.09 -19.12 5.47
C ASP B 95 17.65 -19.08 5.94
N CYS B 96 16.96 -17.96 5.69
CA CYS B 96 15.61 -17.82 6.20
C CYS B 96 14.91 -16.71 5.43
N HIS B 97 13.62 -16.53 5.72
CA HIS B 97 12.87 -15.36 5.27
C HIS B 97 12.54 -14.53 6.52
N ILE B 98 12.82 -13.22 6.47
CA ILE B 98 12.49 -12.34 7.61
C ILE B 98 11.38 -11.39 7.15
N GLU B 99 10.41 -11.16 8.01
CA GLU B 99 9.32 -10.21 7.71
C GLU B 99 9.15 -9.17 8.78
N ALA B 100 8.80 -7.96 8.36
CA ALA B 100 8.34 -6.91 9.24
C ALA B 100 6.85 -6.84 9.02
N ASP B 101 6.11 -7.09 10.09
CA ASP B 101 4.65 -6.99 10.09
C ASP B 101 4.34 -5.61 10.65
N ILE B 102 3.78 -4.72 9.83
CA ILE B 102 3.62 -3.34 10.25
C ILE B 102 2.17 -2.94 10.11
N HIS B 103 1.53 -2.61 11.23
CA HIS B 103 0.15 -2.13 11.21
C HIS B 103 0.06 -0.86 12.01
N ALA B 104 -0.97 -0.07 11.72
CA ALA B 104 -1.19 1.17 12.44
C ALA B 104 -1.65 0.91 13.87
N ASN B 105 -1.11 1.65 14.82
CA ASN B 105 -1.63 1.61 16.19
C ASN B 105 -2.59 2.77 16.41
N GLU B 106 -2.99 3.00 17.66
CA GLU B 106 -3.93 4.09 17.95
C GLU B 106 -3.47 5.45 17.42
N ALA B 107 -2.17 5.74 17.53
CA ALA B 107 -1.63 7.01 17.06
C ALA B 107 -1.70 7.17 15.53
N GLY B 108 -1.88 6.04 14.84
CA GLY B 108 -1.93 6.03 13.38
C GLY B 108 -3.25 6.58 12.89
N LYS B 109 -4.25 6.63 13.78
CA LYS B 109 -5.53 7.26 13.47
C LYS B 109 -5.35 8.72 13.05
N ASP B 110 -4.35 9.40 13.60
CA ASP B 110 -4.11 10.80 13.27
C ASP B 110 -3.65 10.94 11.80
N LEU B 111 -3.19 9.84 11.21
CA LEU B 111 -2.77 9.89 9.81
C LEU B 111 -3.86 9.40 8.86
N GLY B 112 -4.99 8.97 9.42
CA GLY B 112 -6.11 8.48 8.62
C GLY B 112 -6.19 6.96 8.59
N TYR B 113 -5.24 6.27 9.22
CA TYR B 113 -5.31 4.81 9.18
C TYR B 113 -6.33 4.27 10.16
N GLY B 114 -6.96 3.15 9.83
CA GLY B 114 -7.75 2.44 10.82
C GLY B 114 -6.80 1.62 11.67
N VAL B 115 -7.08 1.51 12.97
CA VAL B 115 -6.19 0.77 13.84
C VAL B 115 -6.12 -0.67 13.38
N GLY B 116 -4.90 -1.21 13.28
CA GLY B 116 -4.73 -2.58 12.82
C GLY B 116 -4.55 -2.73 11.33
N ASP B 117 -4.75 -1.64 10.58
CA ASP B 117 -4.59 -1.66 9.12
C ASP B 117 -3.12 -1.86 8.78
N PHE B 118 -2.83 -2.62 7.72
CA PHE B 118 -1.47 -2.65 7.17
C PHE B 118 -1.13 -1.22 6.75
N VAL B 119 0.12 -0.81 6.92
CA VAL B 119 0.55 0.52 6.44
C VAL B 119 1.44 0.35 5.21
N PRO B 120 0.90 0.63 4.03
CA PRO B 120 1.64 0.44 2.77
C PRO B 120 2.51 1.63 2.40
N TYR B 121 3.41 1.41 1.43
CA TYR B 121 4.29 2.42 0.83
C TYR B 121 5.46 2.82 1.72
N LEU B 122 5.71 2.06 2.78
CA LEU B 122 6.87 2.36 3.63
C LEU B 122 8.13 1.83 2.96
N ARG B 123 9.29 2.31 3.39
CA ARG B 123 10.54 1.77 2.91
C ARG B 123 11.27 1.21 4.14
N VAL B 124 11.45 -0.10 4.16
CA VAL B 124 11.93 -0.78 5.36
C VAL B 124 13.27 -1.44 5.04
N VAL B 125 14.27 -1.18 5.88
CA VAL B 125 15.61 -1.74 5.68
C VAL B 125 16.00 -2.33 7.02
N ALA B 126 16.61 -3.51 7.01
CA ALA B 126 17.10 -4.11 8.25
C ALA B 126 18.62 -4.08 8.30
N PHE B 127 19.17 -3.92 9.48
CA PHE B 127 20.62 -3.98 9.68
C PHE B 127 20.88 -5.08 10.67
N LEU B 128 21.84 -5.97 10.35
CA LEU B 128 22.13 -7.10 11.21
C LEU B 128 23.59 -7.03 11.60
N GLN B 129 23.87 -7.09 12.89
CA GLN B 129 25.27 -7.07 13.31
C GLN B 129 25.50 -8.15 14.36
N LYS B 130 26.35 -9.14 14.05
CA LYS B 130 26.60 -10.23 14.97
C LYS B 130 27.38 -9.71 16.16
N HIS B 131 27.00 -10.14 17.36
CA HIS B 131 27.74 -9.77 18.56
C HIS B 131 29.20 -10.23 18.39
N GLY B 132 30.13 -9.30 18.57
CA GLY B 132 31.55 -9.60 18.48
C GLY B 132 32.17 -9.18 17.16
N SER B 133 31.32 -8.72 16.24
CA SER B 133 31.77 -8.31 14.92
C SER B 133 31.51 -6.83 14.76
N GLU B 134 32.30 -6.17 13.92
CA GLU B 134 32.04 -4.77 13.60
C GLU B 134 31.33 -4.63 12.26
N LYS B 135 31.11 -5.77 11.60
CA LYS B 135 30.47 -5.76 10.30
C LYS B 135 28.96 -5.66 10.43
N VAL B 136 28.35 -4.88 9.56
CA VAL B 136 26.91 -4.72 9.54
C VAL B 136 26.42 -5.14 8.17
N GLN B 137 25.41 -5.99 8.15
CA GLN B 137 24.84 -6.44 6.90
C GLN B 137 23.52 -5.70 6.75
N LYS B 138 23.30 -5.12 5.57
CA LYS B 138 22.09 -4.38 5.31
C LYS B 138 21.16 -5.21 4.42
N VAL B 139 19.88 -5.26 4.78
CA VAL B 139 18.90 -6.02 4.01
C VAL B 139 17.73 -5.11 3.63
N MET B 140 17.53 -4.90 2.34
CA MET B 140 16.38 -4.13 1.87
C MET B 140 15.15 -5.03 1.79
N PHE B 141 14.11 -4.64 2.51
CA PHE B 141 12.91 -5.44 2.51
C PHE B 141 12.06 -4.99 1.32
N ALA B 142 11.16 -5.87 0.88
CA ALA B 142 10.26 -5.52 -0.22
C ALA B 142 8.83 -5.77 0.18
N PRO B 143 7.89 -5.01 -0.40
CA PRO B 143 6.48 -5.31 -0.06
C PRO B 143 6.02 -6.53 -0.86
N MET B 144 5.25 -7.39 -0.21
CA MET B 144 4.79 -8.65 -0.84
C MET B 144 3.63 -9.25 -0.06
N ASN B 145 2.88 -10.14 -0.70
CA ASN B 145 1.85 -10.90 0.01
C ASN B 145 2.31 -12.31 0.30
N ALA B 146 2.05 -12.78 1.51
CA ALA B 146 2.09 -14.24 1.77
C ALA B 146 0.65 -14.71 1.90
N GLY B 147 0.44 -15.99 2.19
CA GLY B 147 -0.89 -16.50 2.40
C GLY B 147 -1.58 -15.75 3.52
N ASP B 148 -0.81 -15.16 4.44
CA ASP B 148 -1.42 -14.42 5.52
C ASP B 148 -1.45 -12.89 5.36
N GLY B 149 -1.13 -12.40 4.15
CA GLY B 149 -1.33 -11.00 3.83
C GLY B 149 -0.10 -10.17 3.49
N PRO B 150 -0.32 -8.88 3.18
CA PRO B 150 0.74 -7.92 2.86
C PRO B 150 1.68 -7.70 4.04
N HIS B 151 2.97 -7.56 3.73
CA HIS B 151 4.01 -7.32 4.72
C HIS B 151 5.25 -6.86 3.98
N TYR B 152 6.32 -6.56 4.73
CA TYR B 152 7.60 -6.22 4.11
C TYR B 152 8.50 -7.38 4.45
N GLY B 153 9.26 -7.88 3.48
CA GLY B 153 10.07 -9.03 3.82
C GLY B 153 11.26 -9.23 2.93
N ALA B 154 12.11 -10.18 3.30
CA ALA B 154 13.20 -10.57 2.42
C ALA B 154 13.72 -11.95 2.79
N ASN B 155 14.16 -12.69 1.79
CA ASN B 155 15.04 -13.82 2.06
C ASN B 155 16.40 -13.29 2.50
N VAL B 156 17.02 -13.95 3.50
CA VAL B 156 18.27 -13.46 4.08
C VAL B 156 19.23 -14.62 4.23
N LYS B 157 20.50 -14.36 3.95
CA LYS B 157 21.57 -15.28 4.35
C LYS B 157 22.42 -14.52 5.36
N PHE B 158 22.59 -15.07 6.56
CA PHE B 158 23.39 -14.38 7.58
C PHE B 158 24.87 -14.53 7.22
N GLU B 159 25.46 -13.44 6.76
CA GLU B 159 26.83 -13.48 6.26
C GLU B 159 27.80 -13.95 7.33
N GLU B 160 27.57 -13.54 8.57
CA GLU B 160 28.51 -13.92 9.65
C GLU B 160 28.14 -15.24 10.33
N GLY B 161 27.05 -15.86 9.90
CA GLY B 161 26.73 -17.19 10.37
C GLY B 161 26.00 -17.22 11.70
N LEU B 162 26.12 -18.35 12.40
CA LEU B 162 25.37 -18.62 13.62
C LEU B 162 25.80 -17.67 14.71
N GLY B 163 24.87 -17.27 15.57
CA GLY B 163 25.25 -16.44 16.69
C GLY B 163 24.17 -15.47 17.09
N THR B 164 24.49 -14.59 18.04
CA THR B 164 23.54 -13.59 18.50
C THR B 164 23.73 -12.29 17.72
N TYR B 165 22.62 -11.70 17.28
CA TYR B 165 22.68 -10.50 16.46
C TYR B 165 21.92 -9.34 17.09
N LYS B 166 22.41 -8.13 16.85
CA LYS B 166 21.55 -6.94 16.96
C LYS B 166 20.79 -6.83 15.65
N VAL B 167 19.46 -6.69 15.72
CA VAL B 167 18.64 -6.58 14.49
C VAL B 167 17.88 -5.26 14.57
N ARG B 168 18.08 -4.39 13.59
CA ARG B 168 17.47 -3.05 13.60
C ARG B 168 16.65 -2.86 12.32
N PHE B 169 15.36 -2.56 12.46
CA PHE B 169 14.52 -2.18 11.32
C PHE B 169 14.44 -0.67 11.29
N GLU B 170 14.75 -0.05 10.16
CA GLU B 170 14.57 1.38 10.00
C GLU B 170 13.41 1.55 9.03
N ILE B 171 12.41 2.34 9.41
CA ILE B 171 11.19 2.40 8.64
C ILE B 171 10.95 3.83 8.16
N ALA B 172 11.13 4.08 6.86
CA ALA B 172 10.86 5.42 6.30
C ALA B 172 9.42 5.53 5.85
N ALA B 173 8.90 6.75 5.96
CA ALA B 173 7.54 7.05 5.57
C ALA B 173 7.43 6.99 4.05
N PRO B 174 6.22 6.93 3.53
CA PRO B 174 6.05 6.97 2.08
C PRO B 174 6.72 8.22 1.47
N SER B 175 7.44 8.07 0.35
CA SER B 175 7.96 9.23 -0.38
C SER B 175 6.87 10.29 -0.62
N HIS B 176 7.23 11.57 -0.46
CA HIS B 176 6.29 12.64 -0.82
C HIS B 176 5.91 12.49 -2.29
N ASP B 177 6.78 11.86 -3.06
CA ASP B 177 6.50 11.54 -4.45
C ASP B 177 5.36 10.50 -4.58
N GLU B 178 5.19 9.67 -3.55
CA GLU B 178 4.48 8.41 -3.68
C GLU B 178 3.08 8.45 -3.06
N TYR B 179 2.86 9.36 -2.13
CA TYR B 179 1.67 9.26 -1.27
C TYR B 179 1.33 10.64 -0.74
N SER B 180 0.05 10.90 -0.52
CA SER B 180 -0.41 12.21 -0.03
C SER B 180 -1.41 12.07 1.09
N LEU B 181 -1.62 13.16 1.83
CA LEU B 181 -2.67 13.23 2.86
C LEU B 181 -3.63 14.34 2.54
N HIS B 182 -4.94 14.09 2.65
CA HIS B 182 -5.88 15.22 2.69
C HIS B 182 -5.58 16.05 3.92
N ILE B 183 -5.45 17.37 3.79
CA ILE B 183 -5.16 18.20 4.97
C ILE B 183 -6.18 19.31 5.21
N ASP B 184 -7.22 19.34 4.38
CA ASP B 184 -8.34 20.26 4.62
C ASP B 184 -9.11 19.90 5.89
N GLU B 185 -9.76 20.87 6.50
CA GLU B 185 -10.42 20.61 7.77
C GLU B 185 -11.55 19.61 7.59
N GLN B 186 -12.24 19.73 6.48
CA GLN B 186 -13.46 18.96 6.26
C GLN B 186 -13.22 17.46 6.11
N THR B 187 -12.23 17.09 5.30
CA THR B 187 -12.04 15.69 4.95
C THR B 187 -10.66 15.15 5.32
N GLY B 188 -9.82 15.98 5.94
CA GLY B 188 -8.42 15.63 6.08
C GLY B 188 -8.03 15.10 7.45
N VAL B 189 -6.72 14.95 7.64
CA VAL B 189 -6.18 14.37 8.86
C VAL B 189 -5.28 15.40 9.54
N SER B 190 -5.03 15.24 10.84
CA SER B 190 -4.22 16.22 11.57
C SER B 190 -2.74 15.86 11.62
N GLY B 191 -2.45 14.58 11.42
CA GLY B 191 -1.08 14.09 11.52
C GLY B 191 -0.30 14.34 10.25
N ARG B 192 1.02 14.20 10.35
CA ARG B 192 1.89 14.27 9.19
C ARG B 192 2.91 13.14 9.34
N PHE B 193 3.44 12.67 8.22
CA PHE B 193 4.39 11.57 8.26
C PHE B 193 5.66 11.98 8.97
N TRP B 194 6.32 10.99 9.55
CA TRP B 194 7.57 11.24 10.24
C TRP B 194 8.67 11.52 9.24
N SER B 195 9.67 12.30 9.67
CA SER B 195 10.76 12.70 8.81
C SER B 195 11.97 11.78 8.91
N GLU B 196 12.43 11.49 10.11
CA GLU B 196 13.51 10.51 10.25
C GLU B 196 12.92 9.12 10.39
N PRO B 197 13.58 8.12 9.79
CA PRO B 197 13.02 6.76 9.90
C PRO B 197 12.79 6.33 11.35
N LEU B 198 11.66 5.66 11.56
CA LEU B 198 11.35 5.04 12.85
C LEU B 198 12.17 3.80 12.99
N VAL B 199 12.55 3.49 14.22
CA VAL B 199 13.44 2.37 14.48
C VAL B 199 12.78 1.32 15.37
N ALA B 200 12.79 0.07 14.94
CA ALA B 200 12.44 -1.02 15.84
C ALA B 200 13.67 -1.90 15.95
N GLU B 201 14.14 -2.16 17.16
CA GLU B 201 15.42 -2.83 17.30
C GLU B 201 15.35 -3.93 18.34
N TRP B 202 16.02 -5.04 18.07
CA TRP B 202 16.15 -6.13 19.03
C TRP B 202 17.64 -6.39 19.22
N ASP B 203 18.11 -6.34 20.47
CA ASP B 203 19.54 -6.36 20.76
C ASP B 203 20.16 -7.74 20.84
N ASP B 204 19.33 -8.77 21.03
CA ASP B 204 19.83 -10.10 21.30
C ASP B 204 19.10 -11.20 20.54
N PHE B 205 18.95 -11.03 19.23
CA PHE B 205 18.35 -12.04 18.40
C PHE B 205 19.29 -13.23 18.23
N GLU B 206 18.83 -14.41 18.64
CA GLU B 206 19.66 -15.61 18.52
C GLU B 206 19.37 -16.35 17.22
N TRP B 207 20.30 -16.27 16.28
CA TRP B 207 20.22 -17.11 15.08
C TRP B 207 20.86 -18.45 15.39
N LYS B 208 20.04 -19.48 15.56
CA LYS B 208 20.54 -20.82 15.90
C LYS B 208 20.36 -21.80 14.76
N GLY B 209 20.15 -21.30 13.55
CA GLY B 209 20.03 -22.21 12.43
C GLY B 209 18.57 -22.50 12.14
N PRO B 210 18.32 -23.22 11.06
CA PRO B 210 16.94 -23.58 10.69
C PRO B 210 16.19 -24.28 11.82
N GLN B 211 14.97 -23.85 12.04
CA GLN B 211 14.09 -24.46 13.00
C GLN B 211 12.94 -25.13 12.24
N TRP B 212 13.25 -25.68 11.07
CA TRP B 212 12.24 -26.29 10.18
C TRP B 212 12.95 -27.33 9.33
ZN ZN C . -9.00 11.65 -1.58
ZN ZN D . 5.74 17.11 3.73
ZN ZN E . 4.40 -12.32 -13.20
ZN ZN F . -14.47 8.11 1.53
ZN ZN G . -19.49 -1.40 -1.61
ZN ZN H . -18.25 -7.14 -3.73
ZN ZN I . -16.70 -5.40 -0.54
ZN ZN J . -26.13 11.04 -23.24
ZN ZN K . -11.82 2.11 1.98
S SO4 L . -4.99 -12.12 -17.16
O1 SO4 L . -4.63 -11.22 -18.23
O2 SO4 L . -4.87 -13.50 -17.61
O3 SO4 L . -4.14 -11.87 -16.01
O4 SO4 L . -6.36 -11.89 -16.73
C1 EDO M . -14.99 25.26 -14.36
O1 EDO M . -15.90 24.19 -14.00
C2 EDO M . -13.84 24.61 -15.11
O2 EDO M . -13.17 23.74 -14.20
ZN ZN N . 7.31 -12.64 3.15
ZN ZN O . 3.14 -13.93 8.79
ZN ZN P . 1.76 -7.20 18.54
ZN ZN Q . 0.33 -2.05 19.46
ZN ZN R . -0.04 -8.75 12.95
ZN ZN S . -0.26 -8.53 8.60
#